data_2PYF
#
_entry.id   2PYF
#
_cell.length_a   42.964
_cell.length_b   59.805
_cell.length_c   81.799
_cell.angle_alpha   90.00
_cell.angle_beta   90.94
_cell.angle_gamma   90.00
#
_symmetry.space_group_name_H-M   'P 1 21 1'
#
loop_
_entity.id
_entity.type
_entity.pdbx_description
1 polymer 'T-Cell Receptor, Alpha Chain'
2 polymer 'T-Cell Receptor, Beta Chain'
3 non-polymer 'SULFATE ION'
4 non-polymer 'TETRAETHYLENE GLYCOL'
5 non-polymer 'TRIETHYLENE GLYCOL'
6 water water
#
loop_
_entity_poly.entity_id
_entity_poly.type
_entity_poly.pdbx_seq_one_letter_code
_entity_poly.pdbx_strand_id
1 'polypeptide(L)'
;KQEVTQIPAALSVPEGENLVLNCSFTDSAIYNLQWFRQDPGKGLTSLLLIQSSQREQTSGRLNASLDKSSGSSTLYIAAS
QPGDSATYLCAVRPLLDGTYIPTFGRGTSLIVHPYIQNPDPAVYQLRDSKSSDKSVCLFTDFDSQTNVSQSKDSDVYITD
KCVLDMRSMDFKSNSAVAWSNKSDFACANAFNNSIIPDTFFPSPE
;
A
2 'polypeptide(L)'
;GVTQTPKFQVLKTGQSMTLQCAQDMNHEYMSWYRQDPGMGLRLIHYSVGAGTTDQGEVPNGYNVSRSTIEDFPLRLLSAA
PSQTSVYFCASSYLGNTGELFFGEGSRLTVLEDLKNVFPPEVAVFEPSEAEISHTQKATLVCLATGFYPDHVELSWWVNG
KEVHSGVCTDPQPLKEQPALNDSRYALSSRLRVSATFWQDPRNHFRCQVQFYGLSENDEWTQDRAKPVTQIVSAEAWGRA
D
;
B
#
# COMPACT_ATOMS: atom_id res chain seq x y z
N LYS A 1 -30.48 -9.74 -6.53
CA LYS A 1 -29.29 -9.75 -7.42
C LYS A 1 -28.02 -10.05 -6.58
N GLN A 2 -26.99 -10.57 -7.26
CA GLN A 2 -25.71 -10.93 -6.63
C GLN A 2 -25.18 -9.91 -5.59
N GLU A 3 -24.63 -10.45 -4.50
CA GLU A 3 -24.04 -9.68 -3.42
C GLU A 3 -23.03 -10.59 -2.72
N VAL A 4 -21.77 -10.16 -2.70
CA VAL A 4 -20.70 -10.96 -2.09
C VAL A 4 -20.11 -10.32 -0.83
N THR A 5 -20.00 -11.12 0.23
CA THR A 5 -19.47 -10.65 1.51
C THR A 5 -18.28 -11.54 1.95
N GLN A 6 -17.21 -10.92 2.43
CA GLN A 6 -16.04 -11.66 2.89
C GLN A 6 -15.83 -11.46 4.35
N ILE A 7 -15.53 -12.56 5.06
CA ILE A 7 -15.28 -12.50 6.46
C ILE A 7 -14.06 -13.40 6.80
N PRO A 8 -13.21 -12.94 7.75
CA PRO A 8 -13.34 -11.66 8.47
C PRO A 8 -12.89 -10.46 7.60
N ALA A 9 -13.22 -9.25 8.03
CA ALA A 9 -12.85 -8.04 7.30
C ALA A 9 -11.36 -7.78 7.49
N ALA A 10 -10.86 -8.19 8.67
CA ALA A 10 -9.48 -8.04 9.01
C ALA A 10 -9.07 -9.25 9.84
N LEU A 11 -7.97 -9.87 9.49
CA LEU A 11 -7.49 -11.03 10.21
C LEU A 11 -6.01 -10.84 10.58
N SER A 12 -5.69 -11.07 11.83
CA SER A 12 -4.34 -10.95 12.33
C SER A 12 -3.96 -12.34 12.87
N VAL A 13 -2.87 -12.90 12.38
CA VAL A 13 -2.45 -14.25 12.80
C VAL A 13 -0.92 -14.42 12.87
N PRO A 14 -0.44 -15.32 13.78
CA PRO A 14 1.02 -15.59 13.91
C PRO A 14 1.45 -16.54 12.79
N GLU A 15 2.63 -16.29 12.19
CA GLU A 15 3.12 -17.17 11.09
C GLU A 15 3.25 -18.62 11.51
N GLY A 16 3.11 -19.51 10.54
CA GLY A 16 3.19 -20.93 10.79
C GLY A 16 1.80 -21.53 10.83
N GLU A 17 0.82 -20.73 11.25
CA GLU A 17 -0.57 -21.19 11.32
C GLU A 17 -1.21 -21.17 9.97
N ASN A 18 -2.14 -22.09 9.76
CA ASN A 18 -2.86 -22.15 8.53
C ASN A 18 -3.96 -21.09 8.65
N LEU A 19 -4.39 -20.55 7.52
CA LEU A 19 -5.42 -19.51 7.52
C LEU A 19 -6.62 -19.91 6.70
N VAL A 20 -7.77 -19.39 7.10
CA VAL A 20 -9.00 -19.67 6.39
C VAL A 20 -9.77 -18.37 6.10
N LEU A 21 -10.03 -18.11 4.83
CA LEU A 21 -10.78 -16.91 4.40
C LEU A 21 -12.06 -17.36 3.73
N ASN A 22 -13.17 -16.72 4.09
CA ASN A 22 -14.47 -17.07 3.53
C ASN A 22 -15.08 -16.00 2.60
N CYS A 23 -15.76 -16.45 1.56
CA CYS A 23 -16.40 -15.56 0.65
C CYS A 23 -17.75 -16.18 0.30
N SER A 24 -18.82 -15.54 0.74
CA SER A 24 -20.14 -16.03 0.48
C SER A 24 -20.80 -15.14 -0.55
N PHE A 25 -21.67 -15.75 -1.34
CA PHE A 25 -22.40 -15.05 -2.39
C PHE A 25 -23.84 -15.55 -2.44
N THR A 26 -24.77 -14.62 -2.62
CA THR A 26 -26.21 -14.90 -2.64
C THR A 26 -26.70 -15.79 -3.78
N ASP A 27 -26.15 -15.61 -4.96
CA ASP A 27 -26.57 -16.38 -6.10
C ASP A 27 -25.56 -17.49 -6.40
N SER A 28 -26.03 -18.74 -6.29
CA SER A 28 -25.21 -19.91 -6.55
C SER A 28 -24.93 -20.10 -8.06
N ALA A 29 -25.71 -19.43 -8.91
CA ALA A 29 -25.55 -19.52 -10.37
C ALA A 29 -24.41 -18.60 -10.86
N ILE A 30 -23.17 -19.05 -10.68
CA ILE A 30 -21.99 -18.29 -11.11
C ILE A 30 -21.15 -19.13 -12.05
N TYR A 31 -20.50 -18.47 -13.02
CA TYR A 31 -19.67 -19.17 -13.96
C TYR A 31 -18.39 -19.57 -13.26
N ASN A 32 -17.81 -18.63 -12.51
CA ASN A 32 -16.58 -18.88 -11.79
C ASN A 32 -16.32 -17.89 -10.65
N LEU A 33 -15.45 -18.30 -9.73
CA LEU A 33 -15.07 -17.49 -8.58
C LEU A 33 -13.57 -17.24 -8.72
N GLN A 34 -13.12 -16.02 -8.42
CA GLN A 34 -11.70 -15.71 -8.55
C GLN A 34 -11.19 -14.96 -7.35
N TRP A 35 -10.01 -15.36 -6.84
CA TRP A 35 -9.37 -14.68 -5.69
C TRP A 35 -8.23 -13.85 -6.14
N PHE A 36 -8.12 -12.66 -5.55
CA PHE A 36 -7.08 -11.74 -5.86
C PHE A 36 -6.35 -11.32 -4.62
N ARG A 37 -5.17 -10.78 -4.84
CA ARG A 37 -4.34 -10.28 -3.79
C ARG A 37 -3.92 -8.88 -4.17
N GLN A 38 -4.07 -7.95 -3.23
CA GLN A 38 -3.71 -6.57 -3.46
C GLN A 38 -2.80 -6.02 -2.35
N ASP A 39 -1.63 -5.51 -2.74
CA ASP A 39 -0.69 -4.92 -1.82
C ASP A 39 -0.86 -3.42 -1.89
N PRO A 40 -0.74 -2.72 -0.75
CA PRO A 40 -0.90 -1.26 -0.74
C PRO A 40 -0.04 -0.57 -1.84
N GLY A 41 -0.67 0.33 -2.60
CA GLY A 41 0.01 1.07 -3.67
C GLY A 41 0.16 0.25 -4.96
N LYS A 42 -0.37 -0.97 -4.95
CA LYS A 42 -0.29 -1.86 -6.11
C LYS A 42 -1.69 -2.31 -6.56
N GLY A 43 -1.75 -3.07 -7.64
CA GLY A 43 -3.01 -3.56 -8.17
C GLY A 43 -3.41 -4.88 -7.60
N LEU A 44 -4.28 -5.59 -8.31
CA LEU A 44 -4.76 -6.89 -7.88
C LEU A 44 -4.09 -8.03 -8.65
N THR A 45 -3.53 -8.99 -7.90
CA THR A 45 -2.87 -10.15 -8.48
C THR A 45 -3.78 -11.36 -8.37
N SER A 46 -4.00 -12.04 -9.48
CA SER A 46 -4.85 -13.22 -9.49
C SER A 46 -4.15 -14.36 -8.75
N LEU A 47 -4.89 -15.00 -7.84
CA LEU A 47 -4.36 -16.12 -7.08
C LEU A 47 -4.91 -17.41 -7.63
N LEU A 48 -6.24 -17.54 -7.64
CA LEU A 48 -6.93 -18.71 -8.13
C LEU A 48 -8.26 -18.40 -8.80
N LEU A 49 -8.65 -19.25 -9.73
CA LEU A 49 -9.92 -19.11 -10.42
C LEU A 49 -10.58 -20.48 -10.40
N ILE A 50 -11.79 -20.55 -9.86
CA ILE A 50 -12.49 -21.82 -9.79
C ILE A 50 -13.70 -21.81 -10.69
N GLN A 51 -13.78 -22.81 -11.56
CA GLN A 51 -14.90 -22.94 -12.47
C GLN A 51 -16.08 -23.41 -11.63
N SER A 52 -17.28 -23.17 -12.11
CA SER A 52 -18.48 -23.58 -11.40
C SER A 52 -18.41 -25.08 -11.05
N SER A 53 -18.21 -25.90 -12.08
CA SER A 53 -18.14 -27.35 -11.91
C SER A 53 -16.71 -27.91 -11.80
N GLN A 54 -16.02 -27.54 -10.72
CA GLN A 54 -14.63 -28.03 -10.46
C GLN A 54 -14.43 -28.37 -8.97
N ARG A 55 -15.04 -27.58 -8.07
CA ARG A 55 -14.97 -27.84 -6.61
C ARG A 55 -13.66 -27.34 -5.91
N GLU A 56 -12.53 -27.90 -6.31
CA GLU A 56 -11.23 -27.54 -5.72
C GLU A 56 -10.27 -26.94 -6.76
N GLN A 57 -9.29 -26.17 -6.28
CA GLN A 57 -8.28 -25.55 -7.13
C GLN A 57 -7.08 -25.19 -6.22
N THR A 58 -5.92 -25.74 -6.54
CA THR A 58 -4.70 -25.52 -5.74
C THR A 58 -3.62 -24.68 -6.46
N SER A 59 -2.74 -24.08 -5.66
CA SER A 59 -1.64 -23.26 -6.17
C SER A 59 -0.57 -23.17 -5.09
N GLY A 60 0.08 -24.29 -4.80
CA GLY A 60 1.12 -24.35 -3.77
C GLY A 60 0.47 -24.43 -2.40
N ARG A 61 0.61 -23.35 -1.62
CA ARG A 61 0.02 -23.29 -0.28
C ARG A 61 -1.43 -22.76 -0.35
N LEU A 62 -1.81 -22.21 -1.51
CA LEU A 62 -3.17 -21.69 -1.70
C LEU A 62 -4.07 -22.75 -2.23
N ASN A 63 -5.11 -23.05 -1.47
CA ASN A 63 -6.09 -24.04 -1.85
C ASN A 63 -7.43 -23.39 -1.73
N ALA A 64 -8.22 -23.44 -2.80
CA ALA A 64 -9.55 -22.82 -2.78
C ALA A 64 -10.65 -23.83 -3.08
N SER A 65 -11.71 -23.80 -2.28
CA SER A 65 -12.85 -24.69 -2.47
C SER A 65 -14.08 -23.87 -2.79
N LEU A 66 -15.09 -24.52 -3.33
CA LEU A 66 -16.31 -23.83 -3.69
C LEU A 66 -17.51 -24.75 -3.60
N ASP A 67 -18.49 -24.34 -2.80
CA ASP A 67 -19.73 -25.09 -2.64
C ASP A 67 -20.78 -24.23 -3.30
N LYS A 68 -21.08 -24.53 -4.56
CA LYS A 68 -22.05 -23.76 -5.31
C LYS A 68 -23.44 -23.79 -4.71
N SER A 69 -23.89 -24.97 -4.27
CA SER A 69 -25.22 -25.11 -3.69
C SER A 69 -25.42 -24.14 -2.50
N SER A 70 -24.47 -24.15 -1.56
CA SER A 70 -24.57 -23.26 -0.36
C SER A 70 -24.34 -21.79 -0.73
N GLY A 71 -23.51 -21.56 -1.75
CA GLY A 71 -23.19 -20.20 -2.22
C GLY A 71 -22.02 -19.58 -1.47
N SER A 72 -20.95 -20.34 -1.30
CA SER A 72 -19.77 -19.84 -0.61
C SER A 72 -18.48 -20.59 -0.97
N SER A 73 -17.35 -19.85 -0.88
CA SER A 73 -16.02 -20.41 -1.18
C SER A 73 -15.08 -20.11 0.00
N THR A 74 -14.00 -20.88 0.10
CA THR A 74 -13.04 -20.69 1.17
C THR A 74 -11.63 -20.75 0.64
N LEU A 75 -10.81 -19.77 1.02
CA LEU A 75 -9.43 -19.74 0.61
C LEU A 75 -8.61 -20.26 1.76
N TYR A 76 -7.87 -21.33 1.53
CA TYR A 76 -7.03 -21.89 2.55
C TYR A 76 -5.57 -21.53 2.24
N ILE A 77 -4.92 -20.86 3.20
CA ILE A 77 -3.50 -20.51 3.05
C ILE A 77 -2.75 -21.33 4.10
N ALA A 78 -2.00 -22.33 3.64
CA ALA A 78 -1.24 -23.20 4.54
C ALA A 78 0.06 -22.54 5.04
N ALA A 79 0.46 -22.88 6.27
CA ALA A 79 1.71 -22.34 6.88
C ALA A 79 1.99 -20.92 6.45
N SER A 80 1.18 -19.98 6.93
CA SER A 80 1.31 -18.56 6.58
C SER A 80 2.67 -17.91 6.97
N GLN A 81 2.97 -16.79 6.34
CA GLN A 81 4.19 -16.04 6.61
C GLN A 81 3.96 -14.54 6.41
N PRO A 82 4.79 -13.70 7.04
CA PRO A 82 4.62 -12.25 6.90
C PRO A 82 4.44 -11.77 5.44
N GLY A 83 4.95 -12.56 4.48
CA GLY A 83 4.83 -12.23 3.05
C GLY A 83 3.40 -12.34 2.51
N ASP A 84 2.52 -13.00 3.26
CA ASP A 84 1.11 -13.16 2.88
C ASP A 84 0.25 -11.94 3.29
N SER A 85 0.86 -11.01 4.01
CA SER A 85 0.14 -9.81 4.47
C SER A 85 -0.31 -8.96 3.26
N ALA A 86 -1.63 -8.80 3.15
CA ALA A 86 -2.22 -8.08 2.08
C ALA A 86 -3.73 -8.17 2.20
N THR A 87 -4.43 -7.51 1.29
CA THR A 87 -5.88 -7.56 1.26
C THR A 87 -6.26 -8.63 0.25
N TYR A 88 -7.18 -9.51 0.63
CA TYR A 88 -7.66 -10.58 -0.22
C TYR A 88 -9.12 -10.33 -0.64
N LEU A 89 -9.36 -10.36 -1.96
CA LEU A 89 -10.69 -10.11 -2.55
C LEU A 89 -11.14 -11.26 -3.36
N CYS A 90 -12.42 -11.64 -3.27
CA CYS A 90 -12.90 -12.73 -4.08
C CYS A 90 -13.95 -12.02 -4.98
N ALA A 91 -14.14 -12.52 -6.17
CA ALA A 91 -15.12 -11.96 -7.09
C ALA A 91 -15.76 -13.09 -7.77
N VAL A 92 -17.05 -12.95 -8.08
CA VAL A 92 -17.80 -14.00 -8.79
C VAL A 92 -18.43 -13.42 -10.10
N ARG A 93 -18.60 -14.31 -11.11
CA ARG A 93 -19.22 -13.92 -12.42
C ARG A 93 -20.48 -14.70 -12.74
N PRO A 94 -21.49 -14.01 -13.32
CA PRO A 94 -22.76 -14.63 -13.69
C PRO A 94 -22.61 -15.72 -14.77
N LEU A 95 -23.21 -16.89 -14.50
CA LEU A 95 -23.17 -18.02 -15.43
C LEU A 95 -24.18 -17.77 -16.57
N LEU A 96 -25.18 -16.92 -16.26
CA LEU A 96 -26.26 -16.54 -17.19
C LEU A 96 -25.89 -16.40 -18.67
N ASP A 97 -25.01 -15.42 -18.97
CA ASP A 97 -24.56 -15.09 -20.38
C ASP A 97 -25.35 -13.85 -20.81
N GLY A 98 -24.72 -12.99 -21.61
CA GLY A 98 -25.37 -11.76 -22.04
C GLY A 98 -25.12 -10.74 -20.93
N THR A 99 -24.51 -11.24 -19.84
CA THR A 99 -24.16 -10.46 -18.68
C THR A 99 -22.86 -11.07 -18.16
N TYR A 100 -21.81 -10.27 -18.06
CA TYR A 100 -20.52 -10.76 -17.58
C TYR A 100 -19.96 -9.91 -16.44
N ILE A 101 -20.82 -9.07 -15.86
CA ILE A 101 -20.42 -8.19 -14.74
C ILE A 101 -20.15 -8.95 -13.44
N PRO A 102 -18.89 -8.95 -12.98
CA PRO A 102 -18.57 -9.63 -11.75
C PRO A 102 -18.91 -8.78 -10.54
N THR A 103 -18.92 -9.41 -9.37
CA THR A 103 -19.20 -8.71 -8.12
C THR A 103 -18.07 -8.98 -7.14
N PHE A 104 -17.49 -7.92 -6.62
CA PHE A 104 -16.43 -8.03 -5.65
C PHE A 104 -16.92 -7.87 -4.23
N GLY A 105 -16.23 -8.52 -3.32
CA GLY A 105 -16.54 -8.42 -1.92
C GLY A 105 -15.69 -7.29 -1.40
N ARG A 106 -15.83 -6.94 -0.13
CA ARG A 106 -15.03 -5.85 0.45
C ARG A 106 -13.60 -6.30 0.78
N GLY A 107 -13.38 -7.60 0.82
CA GLY A 107 -12.08 -8.13 1.09
C GLY A 107 -11.70 -8.30 2.54
N THR A 108 -10.70 -9.15 2.74
CA THR A 108 -10.17 -9.42 4.04
C THR A 108 -8.78 -8.89 4.09
N SER A 109 -8.54 -8.00 5.04
CA SER A 109 -7.26 -7.43 5.25
C SER A 109 -6.49 -8.41 6.17
N LEU A 110 -5.48 -9.08 5.61
CA LEU A 110 -4.69 -10.04 6.37
C LEU A 110 -3.32 -9.54 6.81
N ILE A 111 -2.91 -10.00 7.99
CA ILE A 111 -1.63 -9.66 8.53
C ILE A 111 -1.09 -10.84 9.24
N VAL A 112 0.01 -11.38 8.70
CA VAL A 112 0.69 -12.51 9.30
C VAL A 112 1.90 -11.95 10.07
N HIS A 113 1.89 -12.07 11.39
CA HIS A 113 2.99 -11.55 12.20
C HIS A 113 4.20 -12.47 12.21
N PRO A 114 5.41 -11.88 12.32
CA PRO A 114 6.61 -12.66 12.33
C PRO A 114 6.89 -13.31 13.66
N TYR A 115 7.61 -14.42 13.62
CA TYR A 115 7.98 -15.12 14.82
C TYR A 115 9.25 -14.50 15.34
N ILE A 116 9.16 -13.91 16.51
CA ILE A 116 10.28 -13.29 17.16
C ILE A 116 10.80 -14.29 18.18
N GLN A 117 11.85 -15.03 17.82
CA GLN A 117 12.42 -16.05 18.71
C GLN A 117 12.95 -15.48 20.02
N ASN A 118 13.64 -14.36 19.95
CA ASN A 118 14.19 -13.70 21.13
C ASN A 118 13.77 -12.25 21.20
N PRO A 119 12.62 -11.98 21.85
CA PRO A 119 12.14 -10.59 21.99
C PRO A 119 13.11 -9.75 22.82
N ASP A 120 13.36 -8.52 22.37
CA ASP A 120 14.28 -7.61 23.08
C ASP A 120 13.75 -6.16 22.88
N PRO A 121 12.55 -5.85 23.47
CA PRO A 121 11.89 -4.53 23.33
C PRO A 121 12.74 -3.36 23.77
N ALA A 122 12.75 -2.30 22.98
CA ALA A 122 13.54 -1.10 23.31
C ALA A 122 13.17 0.07 22.47
N VAL A 123 13.36 1.25 23.03
CA VAL A 123 13.07 2.48 22.32
C VAL A 123 14.35 3.29 22.29
N TYR A 124 14.79 3.62 21.09
CA TYR A 124 16.01 4.39 20.93
C TYR A 124 15.69 5.66 20.27
N GLN A 125 16.46 6.69 20.58
CA GLN A 125 16.27 7.99 19.95
C GLN A 125 17.39 8.15 18.92
N LEU A 126 17.02 8.60 17.72
CA LEU A 126 17.98 8.81 16.62
C LEU A 126 18.14 10.27 16.36
N ARG A 127 19.27 10.65 15.75
CA ARG A 127 19.52 12.05 15.41
C ARG A 127 19.51 12.22 13.92
N ASP A 128 19.21 13.44 13.46
CA ASP A 128 19.16 13.73 12.03
C ASP A 128 20.59 13.84 11.49
N SER A 129 20.83 13.29 10.29
CA SER A 129 22.16 13.33 9.68
C SER A 129 22.61 14.79 9.43
N LYS A 130 21.65 15.65 9.03
CA LYS A 130 21.95 17.08 8.77
C LYS A 130 22.28 17.83 10.07
N SER A 131 21.90 17.24 11.20
CA SER A 131 22.14 17.84 12.53
C SER A 131 21.37 19.14 12.67
N SER A 132 20.04 19.02 12.69
CA SER A 132 19.15 20.18 12.81
C SER A 132 18.45 20.18 14.18
N ASP A 133 19.06 19.48 15.16
CA ASP A 133 18.50 19.37 16.53
C ASP A 133 17.30 18.37 16.51
N LYS A 134 16.95 17.90 15.30
CA LYS A 134 15.84 16.96 15.11
C LYS A 134 16.19 15.57 15.61
N SER A 135 15.15 14.79 15.87
CA SER A 135 15.29 13.42 16.34
C SER A 135 13.97 12.68 16.15
N VAL A 136 14.05 11.38 16.27
CA VAL A 136 12.92 10.51 16.13
C VAL A 136 13.17 9.36 17.04
N CYS A 137 12.11 8.67 17.46
CA CYS A 137 12.25 7.49 18.34
C CYS A 137 11.91 6.26 17.61
N LEU A 138 12.60 5.19 17.97
CA LEU A 138 12.40 3.94 17.37
C LEU A 138 12.10 2.86 18.36
N PHE A 139 10.90 2.30 18.29
CA PHE A 139 10.53 1.20 19.16
C PHE A 139 10.76 -0.05 18.32
N THR A 140 11.70 -0.89 18.73
CA THR A 140 12.02 -2.08 17.96
C THR A 140 12.22 -3.35 18.79
N ASP A 141 12.38 -4.47 18.07
CA ASP A 141 12.64 -5.80 18.65
C ASP A 141 11.57 -6.39 19.57
N PHE A 142 10.37 -5.81 19.57
CA PHE A 142 9.30 -6.31 20.40
C PHE A 142 8.61 -7.55 19.80
N ASP A 143 8.01 -8.35 20.68
CA ASP A 143 7.30 -9.57 20.28
C ASP A 143 6.08 -9.17 19.46
N SER A 144 5.63 -10.07 18.59
CA SER A 144 4.50 -9.80 17.74
C SER A 144 3.09 -9.71 18.44
N GLN A 145 3.05 -9.77 19.77
CA GLN A 145 1.77 -9.67 20.51
C GLN A 145 1.58 -8.23 20.99
N THR A 146 2.67 -7.46 20.95
CA THR A 146 2.65 -6.07 21.38
C THR A 146 1.97 -5.18 20.34
N ASN A 147 1.02 -4.37 20.79
CA ASN A 147 0.30 -3.46 19.92
C ASN A 147 0.66 -2.01 20.24
N VAL A 148 0.81 -1.22 19.19
CA VAL A 148 1.14 0.19 19.33
C VAL A 148 -0.11 1.00 19.05
N SER A 149 -0.42 1.93 19.95
CA SER A 149 -1.60 2.79 19.80
C SER A 149 -1.15 4.20 19.45
N GLN A 150 -1.97 4.90 18.66
CA GLN A 150 -1.65 6.26 18.26
C GLN A 150 -1.67 7.11 19.52
N SER A 151 -0.68 7.97 19.65
CA SER A 151 -0.57 8.84 20.82
C SER A 151 -1.74 9.79 20.98
N LYS A 152 -1.96 10.24 22.22
CA LYS A 152 -3.01 11.20 22.51
C LYS A 152 -2.37 12.55 22.80
N ASP A 153 -1.57 13.01 21.83
CA ASP A 153 -0.90 14.28 21.94
C ASP A 153 -0.93 14.91 20.54
N SER A 154 -1.22 16.20 20.49
CA SER A 154 -1.33 16.92 19.21
C SER A 154 -0.08 16.87 18.28
N ASP A 155 1.07 17.26 18.79
CA ASP A 155 2.31 17.30 17.98
C ASP A 155 3.12 15.99 17.98
N VAL A 156 2.48 14.86 18.30
CA VAL A 156 3.15 13.58 18.34
C VAL A 156 2.53 12.59 17.34
N TYR A 157 3.39 11.90 16.60
CA TYR A 157 2.94 10.94 15.60
C TYR A 157 3.62 9.61 15.79
N ILE A 158 2.87 8.54 15.53
CA ILE A 158 3.37 7.20 15.65
C ILE A 158 2.92 6.42 14.42
N THR A 159 3.84 5.73 13.76
CA THR A 159 3.51 4.95 12.56
C THR A 159 3.09 3.55 12.95
N ASP A 160 2.51 2.81 12.02
CA ASP A 160 2.09 1.48 12.30
C ASP A 160 3.39 0.64 12.33
N LYS A 161 3.28 -0.59 12.75
CA LYS A 161 4.44 -1.46 12.85
C LYS A 161 4.69 -2.26 11.57
N CYS A 162 5.98 -2.41 11.20
CA CYS A 162 6.37 -3.21 10.01
C CYS A 162 7.46 -4.17 10.37
N VAL A 163 7.67 -5.16 9.51
CA VAL A 163 8.66 -6.15 9.73
C VAL A 163 9.79 -6.01 8.69
N LEU A 164 11.04 -6.08 9.15
CA LEU A 164 12.18 -6.01 8.24
C LEU A 164 13.02 -7.25 8.47
N ASP A 165 13.44 -7.88 7.38
CA ASP A 165 14.22 -9.08 7.46
C ASP A 165 15.67 -8.87 6.99
N MET A 166 16.62 -9.13 7.89
CA MET A 166 18.04 -9.01 7.56
C MET A 166 18.48 -10.37 7.01
N ARG A 167 18.31 -10.53 5.71
CA ARG A 167 18.63 -11.77 4.99
C ARG A 167 19.99 -12.38 5.39
N SER A 168 21.03 -11.55 5.35
CA SER A 168 22.41 -11.97 5.68
C SER A 168 22.52 -12.82 6.95
N MET A 169 21.79 -12.45 7.99
CA MET A 169 21.85 -13.18 9.26
C MET A 169 20.52 -13.85 9.66
N ASP A 170 19.60 -13.97 8.69
CA ASP A 170 18.30 -14.60 8.91
C ASP A 170 17.67 -14.05 10.18
N PHE A 171 17.58 -12.72 10.25
CA PHE A 171 17.03 -12.05 11.40
C PHE A 171 15.92 -11.05 11.00
N LYS A 172 14.72 -11.24 11.54
CA LYS A 172 13.59 -10.34 11.26
C LYS A 172 13.14 -9.72 12.55
N SER A 173 12.75 -8.44 12.49
CA SER A 173 12.31 -7.73 13.66
C SER A 173 11.19 -6.78 13.36
N ASN A 174 10.46 -6.42 14.42
CA ASN A 174 9.34 -5.49 14.34
C ASN A 174 9.83 -4.15 14.77
N SER A 175 9.19 -3.11 14.27
CA SER A 175 9.56 -1.77 14.63
C SER A 175 8.42 -0.79 14.43
N ALA A 176 8.50 0.34 15.11
CA ALA A 176 7.50 1.38 15.03
C ALA A 176 8.24 2.73 15.23
N VAL A 177 7.89 3.73 14.44
CA VAL A 177 8.55 5.07 14.54
C VAL A 177 7.66 6.11 15.14
N ALA A 178 8.26 7.01 15.92
CA ALA A 178 7.55 8.07 16.57
C ALA A 178 8.38 9.38 16.52
N TRP A 179 7.71 10.51 16.37
CA TRP A 179 8.39 11.80 16.33
C TRP A 179 7.41 12.86 16.72
N SER A 180 7.92 14.06 16.94
CA SER A 180 7.09 15.17 17.29
C SER A 180 7.67 16.43 16.74
N ASN A 181 6.83 17.26 16.15
CA ASN A 181 7.27 18.53 15.60
C ASN A 181 7.30 19.59 16.72
N LYS A 182 7.66 19.13 17.92
CA LYS A 182 7.72 19.98 19.10
C LYS A 182 9.15 20.47 19.35
N SER A 183 9.27 21.66 19.93
CA SER A 183 10.58 22.25 20.23
C SER A 183 11.19 21.58 21.46
N ASP A 184 12.19 20.73 21.24
CA ASP A 184 12.88 19.99 22.32
C ASP A 184 11.90 19.11 23.10
N PHE A 185 11.52 17.98 22.49
CA PHE A 185 10.58 17.02 23.12
C PHE A 185 11.12 15.60 23.04
N ALA A 186 11.01 14.87 24.15
CA ALA A 186 11.46 13.50 24.21
C ALA A 186 10.40 12.61 23.57
N CYS A 187 10.70 12.10 22.38
CA CYS A 187 9.76 11.24 21.65
C CYS A 187 9.51 9.87 22.32
N ALA A 188 10.43 9.44 23.19
CA ALA A 188 10.29 8.15 23.90
C ALA A 188 8.96 8.12 24.66
N ASN A 189 8.51 9.28 25.09
CA ASN A 189 7.29 9.43 25.82
C ASN A 189 6.00 9.24 24.98
N ALA A 190 6.15 9.19 23.65
CA ALA A 190 4.99 9.00 22.75
C ALA A 190 4.40 7.61 22.87
N PHE A 191 5.22 6.66 23.31
CA PHE A 191 4.78 5.28 23.45
C PHE A 191 4.03 4.96 24.74
N ASN A 192 3.56 5.98 25.47
CA ASN A 192 2.81 5.73 26.72
C ASN A 192 1.49 5.02 26.40
N ASN A 193 1.60 3.73 26.05
N ASN A 193 1.59 3.72 26.07
CA ASN A 193 0.46 2.89 25.71
CA ASN A 193 0.43 2.89 25.74
C ASN A 193 0.50 1.53 26.48
C ASN A 193 0.47 1.54 26.50
N SER A 194 0.52 0.41 25.76
CA SER A 194 0.58 -0.92 26.40
C SER A 194 1.76 -1.74 25.87
N ILE A 195 2.93 -1.45 26.40
CA ILE A 195 4.14 -2.14 26.01
C ILE A 195 4.66 -2.99 27.16
N ILE A 196 5.70 -3.76 26.91
CA ILE A 196 6.28 -4.65 27.91
C ILE A 196 6.93 -3.87 29.06
N PRO A 197 6.85 -4.42 30.29
CA PRO A 197 7.46 -3.72 31.42
C PRO A 197 9.01 -3.75 31.39
N ASP A 198 9.57 -4.74 30.69
CA ASP A 198 11.04 -4.88 30.57
C ASP A 198 11.62 -4.12 29.35
N THR A 199 10.78 -3.31 28.68
CA THR A 199 11.25 -2.53 27.52
C THR A 199 12.40 -1.58 27.94
N PHE A 200 13.47 -1.62 27.18
CA PHE A 200 14.69 -0.82 27.43
C PHE A 200 14.55 0.61 26.89
N PHE A 201 14.68 1.61 27.79
CA PHE A 201 14.58 3.05 27.42
C PHE A 201 15.88 3.81 27.74
N PRO A 202 16.95 3.54 26.97
CA PRO A 202 18.25 4.22 27.22
C PRO A 202 18.15 5.73 27.03
N SER A 203 18.85 6.48 27.88
CA SER A 203 18.85 7.94 27.78
C SER A 203 19.61 8.38 26.50
N PRO A 204 19.01 9.29 25.70
CA PRO A 204 19.54 9.84 24.43
C PRO A 204 21.01 10.32 24.45
N GLU A 205 21.44 10.92 25.56
CA GLU A 205 22.82 11.44 25.70
C GLU A 205 23.88 10.47 25.13
N GLY B 1 -0.40 -8.72 -21.22
CA GLY B 1 -0.71 -8.07 -19.91
C GLY B 1 -1.55 -6.82 -20.09
N VAL B 2 -2.00 -6.23 -18.97
CA VAL B 2 -2.81 -5.02 -19.01
C VAL B 2 -1.97 -3.85 -18.49
N THR B 3 -1.87 -2.79 -19.29
CA THR B 3 -1.09 -1.60 -18.91
C THR B 3 -1.96 -0.32 -18.86
N GLN B 4 -2.05 0.30 -17.66
CA GLN B 4 -2.82 1.55 -17.47
C GLN B 4 -1.86 2.73 -17.35
N THR B 5 -2.24 3.87 -17.88
CA THR B 5 -1.43 5.08 -17.80
C THR B 5 -2.34 6.32 -17.72
N PRO B 6 -1.99 7.29 -16.86
CA PRO B 6 -0.82 7.28 -16.00
C PRO B 6 -1.10 6.55 -14.68
N LYS B 7 -0.04 6.23 -13.95
CA LYS B 7 -0.18 5.53 -12.67
C LYS B 7 -0.60 6.56 -11.57
N PHE B 8 -0.19 7.82 -11.75
CA PHE B 8 -0.50 8.93 -10.79
C PHE B 8 -0.89 10.21 -11.55
N GLN B 9 -1.85 10.96 -11.02
CA GLN B 9 -2.30 12.19 -11.67
C GLN B 9 -3.00 13.15 -10.65
N VAL B 10 -2.74 14.45 -10.81
CA VAL B 10 -3.33 15.47 -9.97
C VAL B 10 -4.10 16.37 -10.89
N LEU B 11 -5.40 16.48 -10.68
CA LEU B 11 -6.25 17.35 -11.51
C LEU B 11 -6.82 18.47 -10.72
N LYS B 12 -7.12 19.54 -11.44
CA LYS B 12 -7.69 20.71 -10.88
C LYS B 12 -9.20 20.60 -11.22
N THR B 13 -10.07 20.85 -10.25
CA THR B 13 -11.51 20.78 -10.48
C THR B 13 -11.89 21.50 -11.78
N GLY B 14 -12.55 20.76 -12.68
CA GLY B 14 -12.98 21.33 -13.97
C GLY B 14 -12.18 20.83 -15.19
N GLN B 15 -10.90 20.47 -14.98
CA GLN B 15 -10.05 19.99 -16.09
C GLN B 15 -10.47 18.64 -16.62
N SER B 16 -10.00 18.35 -17.84
CA SER B 16 -10.31 17.08 -18.48
C SER B 16 -9.11 16.13 -18.39
N MET B 17 -9.35 14.86 -18.58
CA MET B 17 -8.30 13.87 -18.52
C MET B 17 -8.76 12.57 -19.13
N THR B 18 -7.82 11.82 -19.69
CA THR B 18 -8.12 10.54 -20.29
C THR B 18 -7.17 9.51 -19.73
N LEU B 19 -7.72 8.44 -19.16
CA LEU B 19 -6.91 7.34 -18.62
C LEU B 19 -6.87 6.29 -19.68
N GLN B 20 -5.68 5.79 -19.96
CA GLN B 20 -5.51 4.80 -20.98
C GLN B 20 -5.41 3.40 -20.38
N CYS B 21 -5.79 2.41 -21.18
CA CYS B 21 -5.72 1.01 -20.78
C CYS B 21 -5.61 0.15 -22.03
N ALA B 22 -4.58 -0.68 -22.09
CA ALA B 22 -4.37 -1.55 -23.21
C ALA B 22 -3.95 -2.94 -22.78
N GLN B 23 -4.19 -3.90 -23.66
CA GLN B 23 -3.80 -5.28 -23.42
C GLN B 23 -3.45 -5.93 -24.76
N ASP B 24 -2.47 -6.84 -24.73
CA ASP B 24 -2.01 -7.53 -25.95
C ASP B 24 -2.36 -9.01 -25.92
N MET B 25 -3.34 -9.33 -25.10
CA MET B 25 -3.79 -10.68 -24.92
C MET B 25 -5.01 -11.03 -25.78
N ASN B 26 -5.48 -10.04 -26.55
CA ASN B 26 -6.65 -10.22 -27.43
C ASN B 26 -7.96 -10.48 -26.68
N HIS B 27 -8.17 -9.80 -25.55
CA HIS B 27 -9.40 -9.98 -24.80
C HIS B 27 -10.49 -9.10 -25.37
N GLU B 28 -11.71 -9.65 -25.48
CA GLU B 28 -12.84 -8.91 -26.03
C GLU B 28 -13.50 -8.07 -24.94
N TYR B 29 -13.37 -8.51 -23.67
CA TYR B 29 -13.97 -7.83 -22.54
C TYR B 29 -12.97 -6.95 -21.82
N MET B 30 -13.38 -5.70 -21.55
CA MET B 30 -12.55 -4.74 -20.83
C MET B 30 -13.47 -3.91 -19.98
N SER B 31 -13.00 -3.48 -18.83
CA SER B 31 -13.83 -2.72 -17.93
C SER B 31 -13.06 -1.77 -17.02
N TRP B 32 -13.78 -0.80 -16.46
CA TRP B 32 -13.19 0.19 -15.53
C TRP B 32 -13.85 0.18 -14.18
N TYR B 33 -13.02 0.21 -13.14
CA TYR B 33 -13.49 0.23 -11.75
C TYR B 33 -12.84 1.33 -11.02
N ARG B 34 -13.46 1.76 -9.94
CA ARG B 34 -12.93 2.75 -9.09
C ARG B 34 -12.99 2.11 -7.71
N GLN B 35 -11.94 2.30 -6.89
CA GLN B 35 -11.89 1.74 -5.56
C GLN B 35 -11.79 2.87 -4.54
N ASP B 36 -12.72 2.88 -3.60
CA ASP B 36 -12.80 3.89 -2.56
C ASP B 36 -12.83 3.25 -1.17
N PRO B 37 -12.20 3.93 -0.17
CA PRO B 37 -12.15 3.44 1.20
C PRO B 37 -13.53 3.05 1.76
N GLY B 38 -13.60 1.84 2.33
CA GLY B 38 -14.85 1.34 2.91
C GLY B 38 -16.03 1.32 1.93
N MET B 39 -15.75 1.11 0.65
CA MET B 39 -16.81 1.09 -0.36
C MET B 39 -16.47 0.13 -1.57
N GLY B 40 -15.30 -0.52 -1.51
CA GLY B 40 -14.83 -1.47 -2.54
C GLY B 40 -14.78 -1.04 -3.99
N LEU B 41 -14.72 -2.07 -4.87
CA LEU B 41 -14.67 -1.89 -6.33
C LEU B 41 -16.03 -1.73 -6.97
N ARG B 42 -16.24 -0.56 -7.59
CA ARG B 42 -17.49 -0.25 -8.26
C ARG B 42 -17.24 -0.06 -9.75
N LEU B 43 -17.91 -0.87 -10.55
CA LEU B 43 -17.82 -0.82 -12.02
C LEU B 43 -18.37 0.51 -12.60
N ILE B 44 -17.55 1.16 -13.44
CA ILE B 44 -17.93 2.43 -14.09
C ILE B 44 -18.54 2.11 -15.48
N HIS B 45 -17.75 1.50 -16.36
CA HIS B 45 -18.20 1.08 -17.75
C HIS B 45 -17.56 -0.24 -18.15
N TYR B 46 -18.08 -0.87 -19.20
CA TYR B 46 -17.50 -2.13 -19.67
C TYR B 46 -17.78 -2.31 -21.16
N SER B 47 -16.95 -3.11 -21.82
CA SER B 47 -17.10 -3.36 -23.23
C SER B 47 -16.93 -4.84 -23.53
N VAL B 48 -17.89 -5.42 -24.29
CA VAL B 48 -17.87 -6.86 -24.65
C VAL B 48 -17.09 -7.11 -25.94
N GLY B 49 -16.75 -6.04 -26.64
CA GLY B 49 -16.01 -6.13 -27.88
C GLY B 49 -15.87 -4.77 -28.50
N ALA B 50 -15.25 -4.72 -29.69
CA ALA B 50 -15.05 -3.45 -30.41
C ALA B 50 -16.38 -2.89 -30.93
N GLY B 51 -16.52 -1.57 -30.88
CA GLY B 51 -17.72 -0.89 -31.34
C GLY B 51 -18.89 -0.93 -30.34
N THR B 52 -18.66 -1.46 -29.15
CA THR B 52 -19.70 -1.56 -28.13
C THR B 52 -19.18 -1.33 -26.70
N THR B 53 -19.92 -0.52 -25.95
CA THR B 53 -19.59 -0.19 -24.55
C THR B 53 -20.92 -0.12 -23.77
N ASP B 54 -20.86 -0.33 -22.45
CA ASP B 54 -22.05 -0.29 -21.57
C ASP B 54 -21.76 0.37 -20.22
N GLN B 55 -22.81 0.94 -19.64
CA GLN B 55 -22.69 1.61 -18.35
C GLN B 55 -22.65 0.61 -17.20
N GLY B 56 -21.91 0.96 -16.16
CA GLY B 56 -21.79 0.12 -15.00
C GLY B 56 -22.63 0.64 -13.86
N GLU B 57 -22.15 0.45 -12.63
CA GLU B 57 -22.83 0.89 -11.43
C GLU B 57 -22.81 2.41 -11.29
N VAL B 58 -21.66 3.02 -11.56
CA VAL B 58 -21.50 4.50 -11.45
C VAL B 58 -20.83 5.10 -12.70
N PRO B 59 -21.60 5.20 -13.80
CA PRO B 59 -21.12 5.73 -15.08
C PRO B 59 -21.10 7.26 -15.18
N ASN B 60 -21.81 7.94 -14.28
CA ASN B 60 -21.87 9.40 -14.29
C ASN B 60 -20.53 10.09 -14.14
N GLY B 61 -20.25 11.03 -15.06
CA GLY B 61 -19.01 11.79 -15.04
C GLY B 61 -17.91 11.16 -15.87
N TYR B 62 -18.18 9.96 -16.43
CA TYR B 62 -17.19 9.25 -17.23
C TYR B 62 -17.71 8.85 -18.61
N ASN B 63 -16.78 8.73 -19.55
CA ASN B 63 -17.08 8.31 -20.94
C ASN B 63 -16.03 7.29 -21.38
N VAL B 64 -16.44 6.35 -22.22
CA VAL B 64 -15.52 5.33 -22.74
C VAL B 64 -15.81 5.10 -24.19
N SER B 65 -14.91 4.39 -24.85
CA SER B 65 -15.05 4.05 -26.27
C SER B 65 -14.22 2.81 -26.54
N ARG B 66 -14.64 2.01 -27.51
CA ARG B 66 -13.94 0.79 -27.84
C ARG B 66 -13.87 0.63 -29.38
N SER B 67 -13.01 1.40 -30.04
CA SER B 67 -12.85 1.31 -31.50
C SER B 67 -11.97 0.08 -31.87
N THR B 68 -10.98 -0.21 -31.01
CA THR B 68 -10.06 -1.35 -31.20
C THR B 68 -10.19 -2.28 -30.03
N ILE B 69 -9.89 -3.56 -30.23
CA ILE B 69 -9.97 -4.54 -29.15
C ILE B 69 -8.86 -4.29 -28.09
N GLU B 70 -7.68 -3.89 -28.56
CA GLU B 70 -6.53 -3.63 -27.67
C GLU B 70 -6.75 -2.54 -26.60
N ASP B 71 -7.39 -1.42 -26.97
CA ASP B 71 -7.58 -0.28 -26.02
C ASP B 71 -9.00 0.01 -25.56
N PHE B 72 -9.09 0.70 -24.40
CA PHE B 72 -10.36 1.05 -23.79
C PHE B 72 -10.11 2.26 -22.84
N PRO B 73 -10.11 3.49 -23.40
CA PRO B 73 -9.85 4.66 -22.57
C PRO B 73 -11.03 5.16 -21.77
N LEU B 74 -10.75 5.77 -20.62
CA LEU B 74 -11.77 6.33 -19.73
C LEU B 74 -11.58 7.86 -19.78
N ARG B 75 -12.64 8.57 -20.04
CA ARG B 75 -12.59 10.00 -20.17
C ARG B 75 -13.38 10.75 -19.11
N LEU B 76 -12.79 11.83 -18.61
CA LEU B 76 -13.42 12.69 -17.62
C LEU B 76 -13.41 14.09 -18.23
N LEU B 77 -14.59 14.60 -18.62
CA LEU B 77 -14.70 15.94 -19.23
C LEU B 77 -14.47 17.03 -18.22
N SER B 78 -15.33 17.10 -17.19
CA SER B 78 -15.20 18.12 -16.13
C SER B 78 -14.87 17.44 -14.79
N ALA B 79 -13.57 17.27 -14.52
CA ALA B 79 -13.10 16.62 -13.27
C ALA B 79 -13.74 17.23 -12.02
N ALA B 80 -14.29 16.36 -11.16
CA ALA B 80 -14.92 16.78 -9.94
C ALA B 80 -14.16 16.21 -8.73
N PRO B 81 -14.14 16.95 -7.62
CA PRO B 81 -13.46 16.49 -6.41
C PRO B 81 -13.88 15.07 -5.99
N SER B 82 -15.15 14.73 -6.23
CA SER B 82 -15.68 13.42 -5.86
C SER B 82 -15.04 12.29 -6.68
N GLN B 83 -14.50 12.63 -7.84
CA GLN B 83 -13.85 11.64 -8.70
C GLN B 83 -12.46 11.21 -8.22
N THR B 84 -11.96 11.81 -7.13
CA THR B 84 -10.67 11.44 -6.54
C THR B 84 -10.79 9.96 -6.13
N SER B 85 -9.96 9.11 -6.71
CA SER B 85 -10.02 7.70 -6.41
C SER B 85 -8.87 6.93 -7.03
N VAL B 86 -8.93 5.61 -6.93
CA VAL B 86 -7.95 4.74 -7.52
C VAL B 86 -8.74 4.00 -8.60
N TYR B 87 -8.31 4.12 -9.85
CA TYR B 87 -9.00 3.49 -10.96
C TYR B 87 -8.27 2.28 -11.50
N PHE B 88 -9.05 1.21 -11.78
CA PHE B 88 -8.51 -0.04 -12.30
C PHE B 88 -9.15 -0.50 -13.60
N CYS B 89 -8.32 -1.03 -14.49
CA CYS B 89 -8.77 -1.55 -15.76
C CYS B 89 -8.60 -3.10 -15.70
N ALA B 90 -9.64 -3.84 -16.08
CA ALA B 90 -9.59 -5.32 -16.06
C ALA B 90 -10.09 -5.88 -17.38
N SER B 91 -9.48 -7.00 -17.82
CA SER B 91 -9.88 -7.65 -19.11
C SER B 91 -9.87 -9.19 -19.01
N SER B 92 -10.63 -9.83 -19.90
CA SER B 92 -10.70 -11.29 -19.95
C SER B 92 -11.25 -11.72 -21.31
N TYR B 93 -11.05 -12.98 -21.68
CA TYR B 93 -11.61 -13.47 -22.93
C TYR B 93 -13.07 -13.71 -22.73
N LEU B 94 -13.90 -13.35 -23.72
CA LEU B 94 -15.35 -13.63 -23.63
C LEU B 94 -15.55 -15.05 -24.06
N GLY B 95 -15.04 -15.90 -23.23
CA GLY B 95 -15.08 -17.31 -23.36
C GLY B 95 -14.70 -17.71 -21.98
N ASN B 96 -15.58 -17.33 -21.03
CA ASN B 96 -15.37 -17.59 -19.63
C ASN B 96 -14.65 -18.91 -19.36
N THR B 97 -13.61 -18.79 -18.55
CA THR B 97 -12.71 -19.88 -18.15
C THR B 97 -11.42 -19.16 -17.99
N GLY B 98 -11.29 -18.09 -18.79
CA GLY B 98 -10.15 -17.25 -18.76
C GLY B 98 -10.39 -16.23 -17.65
N GLU B 99 -9.44 -16.15 -16.75
CA GLU B 99 -9.49 -15.26 -15.63
C GLU B 99 -9.55 -13.76 -15.99
N LEU B 100 -9.78 -12.95 -14.97
CA LEU B 100 -9.85 -11.54 -15.11
C LEU B 100 -8.40 -10.98 -14.80
N PHE B 101 -7.91 -10.10 -15.65
CA PHE B 101 -6.54 -9.49 -15.50
C PHE B 101 -6.64 -8.02 -15.20
N PHE B 102 -6.03 -7.58 -14.10
CA PHE B 102 -6.06 -6.18 -13.70
C PHE B 102 -4.77 -5.44 -13.94
N GLY B 103 -4.90 -4.13 -14.17
CA GLY B 103 -3.79 -3.28 -14.38
C GLY B 103 -3.25 -2.89 -13.01
N GLU B 104 -2.25 -2.01 -12.99
CA GLU B 104 -1.61 -1.56 -11.71
C GLU B 104 -2.41 -0.46 -11.01
N GLY B 105 -3.38 0.09 -11.72
CA GLY B 105 -4.20 1.14 -11.18
C GLY B 105 -3.67 2.53 -11.43
N SER B 106 -4.60 3.48 -11.48
CA SER B 106 -4.29 4.89 -11.71
C SER B 106 -4.83 5.68 -10.51
N ARG B 107 -3.95 6.39 -9.82
CA ARG B 107 -4.33 7.17 -8.65
C ARG B 107 -4.55 8.62 -9.02
N LEU B 108 -5.82 9.00 -9.08
CA LEU B 108 -6.21 10.33 -9.45
C LEU B 108 -6.77 11.11 -8.28
N THR B 109 -6.25 12.30 -8.09
CA THR B 109 -6.69 13.19 -7.04
C THR B 109 -7.12 14.49 -7.69
N VAL B 110 -8.40 14.86 -7.49
CA VAL B 110 -8.95 16.11 -8.06
C VAL B 110 -9.03 17.19 -6.92
N LEU B 111 -8.48 18.38 -7.18
CA LEU B 111 -8.46 19.46 -6.19
C LEU B 111 -9.16 20.73 -6.66
N GLU B 112 -9.74 21.46 -5.70
CA GLU B 112 -10.42 22.72 -5.98
C GLU B 112 -9.35 23.79 -6.18
N ASP B 113 -8.23 23.62 -5.49
CA ASP B 113 -7.15 24.55 -5.59
C ASP B 113 -5.83 23.76 -5.51
N LEU B 114 -5.00 23.90 -6.55
CA LEU B 114 -3.71 23.19 -6.62
C LEU B 114 -2.70 23.64 -5.56
N LYS B 115 -3.05 24.66 -4.78
CA LYS B 115 -2.15 25.17 -3.72
C LYS B 115 -2.09 24.21 -2.49
N ASN B 116 -2.91 23.15 -2.52
CA ASN B 116 -2.94 22.16 -1.47
C ASN B 116 -1.96 21.02 -1.81
N VAL B 117 -1.27 21.18 -2.94
CA VAL B 117 -0.29 20.20 -3.40
C VAL B 117 1.05 20.58 -2.77
N PHE B 118 1.59 19.68 -1.94
CA PHE B 118 2.90 19.92 -1.26
C PHE B 118 3.81 18.76 -1.45
N PRO B 119 5.10 19.05 -1.70
CA PRO B 119 6.06 18.00 -1.84
C PRO B 119 6.56 17.58 -0.45
N PRO B 120 7.22 16.44 -0.36
CA PRO B 120 7.70 16.01 0.95
C PRO B 120 9.05 16.58 1.33
N GLU B 121 9.28 16.69 2.65
CA GLU B 121 10.56 17.12 3.19
C GLU B 121 11.12 15.82 3.67
N VAL B 122 12.28 15.43 3.16
CA VAL B 122 12.89 14.17 3.51
C VAL B 122 14.13 14.32 4.34
N ALA B 123 14.26 13.46 5.35
CA ALA B 123 15.41 13.47 6.23
C ALA B 123 15.73 12.07 6.74
N VAL B 124 17.00 11.74 6.80
CA VAL B 124 17.45 10.46 7.29
C VAL B 124 18.00 10.64 8.71
N PHE B 125 17.60 9.76 9.62
CA PHE B 125 18.07 9.83 11.01
C PHE B 125 19.02 8.70 11.25
N GLU B 126 20.23 9.04 11.71
CA GLU B 126 21.30 8.07 11.94
C GLU B 126 21.08 7.20 13.16
N PRO B 127 21.62 5.95 13.11
CA PRO B 127 21.52 4.94 14.16
C PRO B 127 21.94 5.36 15.55
N SER B 128 21.11 5.02 16.54
CA SER B 128 21.38 5.34 17.94
C SER B 128 22.58 4.54 18.42
N GLU B 129 23.40 5.16 19.27
CA GLU B 129 24.59 4.48 19.82
C GLU B 129 24.16 3.40 20.84
N ALA B 130 22.93 3.50 21.35
CA ALA B 130 22.39 2.55 22.31
C ALA B 130 22.02 1.24 21.64
N GLU B 131 21.54 1.33 20.42
CA GLU B 131 21.15 0.14 19.67
C GLU B 131 22.37 -0.64 19.23
N ILE B 132 23.33 0.06 18.66
CA ILE B 132 24.55 -0.56 18.18
C ILE B 132 25.24 -1.34 19.30
N SER B 133 25.39 -0.72 20.45
CA SER B 133 26.05 -1.34 21.57
C SER B 133 25.24 -2.48 22.21
N HIS B 134 23.93 -2.43 22.11
CA HIS B 134 23.08 -3.42 22.70
C HIS B 134 22.74 -4.60 21.75
N THR B 135 22.67 -4.32 20.45
CA THR B 135 22.31 -5.37 19.45
C THR B 135 23.36 -5.63 18.34
N GLN B 136 24.40 -4.78 18.26
CA GLN B 136 25.45 -4.88 17.21
C GLN B 136 24.79 -4.65 15.82
N LYS B 137 23.68 -3.90 15.83
CA LYS B 137 22.93 -3.57 14.62
C LYS B 137 22.64 -2.09 14.63
N ALA B 138 22.35 -1.52 13.46
CA ALA B 138 22.05 -0.10 13.34
C ALA B 138 20.89 0.11 12.41
N THR B 139 19.92 0.91 12.84
CA THR B 139 18.73 1.17 12.03
C THR B 139 18.63 2.62 11.62
N LEU B 140 18.66 2.86 10.31
CA LEU B 140 18.51 4.18 9.81
C LEU B 140 17.01 4.39 9.56
N VAL B 141 16.53 5.57 9.86
CA VAL B 141 15.15 5.89 9.64
C VAL B 141 15.04 7.05 8.66
N CYS B 142 14.15 6.91 7.68
CA CYS B 142 13.93 7.94 6.70
C CYS B 142 12.54 8.44 6.93
N LEU B 143 12.41 9.75 7.04
CA LEU B 143 11.13 10.33 7.29
C LEU B 143 10.78 11.41 6.25
N ALA B 144 9.69 11.17 5.51
CA ALA B 144 9.19 12.08 4.50
C ALA B 144 7.94 12.71 5.15
N THR B 145 7.86 14.04 5.17
CA THR B 145 6.72 14.71 5.80
C THR B 145 6.08 15.84 4.97
N GLY B 146 4.82 16.13 5.33
CA GLY B 146 4.01 17.20 4.73
C GLY B 146 3.65 17.15 3.25
N PHE B 147 3.57 15.96 2.68
CA PHE B 147 3.24 15.88 1.29
C PHE B 147 1.74 15.64 1.01
N TYR B 148 1.30 16.16 -0.11
CA TYR B 148 -0.05 15.98 -0.58
C TYR B 148 -0.03 16.21 -2.05
N PRO B 149 -0.66 15.32 -2.83
CA PRO B 149 -1.39 14.13 -2.41
C PRO B 149 -0.49 12.95 -2.05
N ASP B 150 -1.09 11.83 -1.73
CA ASP B 150 -0.37 10.64 -1.36
C ASP B 150 0.18 9.89 -2.60
N HIS B 151 0.95 10.57 -3.45
CA HIS B 151 1.51 9.91 -4.64
C HIS B 151 3.03 9.84 -4.49
N VAL B 152 3.50 8.88 -3.71
CA VAL B 152 4.89 8.71 -3.45
C VAL B 152 5.37 7.27 -3.60
N GLU B 153 6.69 7.15 -3.76
CA GLU B 153 7.39 5.89 -3.89
C GLU B 153 8.73 6.09 -3.17
N LEU B 154 8.92 5.39 -2.04
CA LEU B 154 10.16 5.51 -1.24
C LEU B 154 11.12 4.31 -1.42
N SER B 155 12.40 4.61 -1.56
CA SER B 155 13.40 3.57 -1.73
C SER B 155 14.76 3.92 -1.11
N TRP B 156 15.50 2.88 -0.74
CA TRP B 156 16.83 3.01 -0.16
C TRP B 156 17.87 2.62 -1.18
N TRP B 157 19.01 3.31 -1.12
CA TRP B 157 20.13 3.10 -2.02
C TRP B 157 21.39 3.08 -1.21
N VAL B 158 22.14 1.99 -1.28
CA VAL B 158 23.39 1.85 -0.52
C VAL B 158 24.53 1.64 -1.50
N ASN B 159 25.46 2.59 -1.54
CA ASN B 159 26.62 2.52 -2.45
C ASN B 159 26.15 2.40 -3.92
N GLY B 160 25.04 3.07 -4.24
CA GLY B 160 24.47 3.07 -5.60
C GLY B 160 23.49 2.00 -5.96
N LYS B 161 23.30 1.02 -5.08
CA LYS B 161 22.39 -0.10 -5.36
C LYS B 161 21.17 -0.14 -4.45
N GLU B 162 19.98 -0.18 -5.08
CA GLU B 162 18.72 -0.22 -4.34
C GLU B 162 18.68 -1.47 -3.50
N VAL B 163 18.35 -1.32 -2.22
CA VAL B 163 18.31 -2.45 -1.29
C VAL B 163 16.91 -2.78 -0.83
N HIS B 164 16.69 -4.05 -0.58
CA HIS B 164 15.41 -4.55 -0.09
C HIS B 164 15.64 -5.38 1.17
N SER B 165 16.90 -5.76 1.39
CA SER B 165 17.27 -6.54 2.55
C SER B 165 17.38 -5.63 3.77
N GLY B 166 16.72 -6.01 4.85
CA GLY B 166 16.72 -5.23 6.09
C GLY B 166 15.94 -3.94 5.97
N VAL B 167 14.89 -3.95 5.15
CA VAL B 167 14.07 -2.75 4.93
C VAL B 167 12.56 -2.97 4.99
N CYS B 168 11.87 -2.02 5.62
CA CYS B 168 10.41 -2.04 5.69
C CYS B 168 9.95 -0.61 5.72
N THR B 169 9.00 -0.31 4.87
CA THR B 169 8.44 1.00 4.78
C THR B 169 6.98 0.86 5.17
N ASP B 170 6.41 1.89 5.75
CA ASP B 170 5.02 1.86 6.14
C ASP B 170 4.19 1.51 4.94
N PRO B 171 3.29 0.51 5.07
CA PRO B 171 2.44 0.11 3.95
C PRO B 171 1.62 1.30 3.44
N GLN B 172 1.25 2.19 4.35
CA GLN B 172 0.48 3.35 4.02
C GLN B 172 0.90 4.51 4.95
N PRO B 173 0.88 5.75 4.40
CA PRO B 173 1.26 6.93 5.15
C PRO B 173 0.18 7.40 6.11
N LEU B 174 0.59 8.09 7.18
CA LEU B 174 -0.33 8.59 8.16
C LEU B 174 -0.65 10.07 7.92
N LYS B 175 -1.91 10.45 8.21
CA LYS B 175 -2.35 11.81 8.07
C LYS B 175 -1.85 12.68 9.22
N GLU B 176 -1.29 13.83 8.88
CA GLU B 176 -0.80 14.78 9.87
C GLU B 176 -2.02 15.51 10.48
N GLN B 177 -3.14 15.44 9.78
CA GLN B 177 -4.41 16.06 10.21
C GLN B 177 -5.51 15.02 9.97
N PRO B 178 -5.64 14.05 10.91
CA PRO B 178 -6.59 12.95 10.86
C PRO B 178 -8.00 13.28 10.36
N ALA B 179 -8.59 14.38 10.87
CA ALA B 179 -9.97 14.78 10.49
C ALA B 179 -10.18 15.33 9.05
N LEU B 180 -9.09 15.72 8.38
CA LEU B 180 -9.20 16.28 6.99
C LEU B 180 -8.96 15.27 5.88
N ASN B 181 -9.79 15.32 4.85
CA ASN B 181 -9.65 14.44 3.70
C ASN B 181 -8.57 15.05 2.76
N ASP B 182 -8.22 16.32 3.04
CA ASP B 182 -7.22 17.07 2.29
C ASP B 182 -5.88 17.11 3.10
N SER B 183 -5.81 16.30 4.15
CA SER B 183 -4.63 16.22 5.03
C SER B 183 -3.31 15.87 4.34
N ARG B 184 -2.23 16.49 4.80
CA ARG B 184 -0.88 16.23 4.29
C ARG B 184 -0.43 14.91 4.97
N TYR B 185 0.51 14.20 4.33
CA TYR B 185 0.96 12.93 4.85
C TYR B 185 2.40 12.88 5.30
N ALA B 186 2.70 11.80 6.03
CA ALA B 186 4.01 11.48 6.54
C ALA B 186 4.23 9.99 6.23
N LEU B 187 5.45 9.62 5.90
CA LEU B 187 5.79 8.22 5.58
C LEU B 187 7.16 7.95 6.13
N SER B 188 7.38 6.76 6.68
CA SER B 188 8.69 6.40 7.21
C SER B 188 9.12 5.04 6.73
N SER B 189 10.43 4.80 6.77
CA SER B 189 10.99 3.55 6.35
C SER B 189 12.21 3.24 7.24
N ARG B 190 12.52 1.96 7.38
CA ARG B 190 13.65 1.55 8.17
C ARG B 190 14.59 0.78 7.31
N LEU B 191 15.88 0.97 7.59
CA LEU B 191 16.94 0.25 6.90
C LEU B 191 17.84 -0.17 8.02
N ARG B 192 17.96 -1.49 8.23
CA ARG B 192 18.81 -1.97 9.30
C ARG B 192 20.00 -2.75 8.74
N VAL B 193 21.18 -2.46 9.29
CA VAL B 193 22.41 -3.13 8.85
C VAL B 193 23.26 -3.50 10.06
N SER B 194 24.31 -4.28 9.83
CA SER B 194 25.18 -4.67 10.92
C SER B 194 25.90 -3.39 11.38
N ALA B 195 26.25 -3.33 12.66
CA ALA B 195 26.93 -2.14 13.23
C ALA B 195 28.25 -1.87 12.52
N THR B 196 28.92 -2.93 12.09
CA THR B 196 30.19 -2.81 11.40
C THR B 196 30.06 -2.17 9.99
N PHE B 197 28.94 -2.44 9.30
CA PHE B 197 28.70 -1.88 7.97
C PHE B 197 28.44 -0.34 8.14
N TRP B 198 27.69 0.02 9.18
CA TRP B 198 27.40 1.43 9.48
C TRP B 198 28.66 2.18 9.95
N GLN B 199 29.51 1.50 10.71
CA GLN B 199 30.74 2.12 11.23
C GLN B 199 31.83 2.36 10.18
N ASP B 200 31.65 1.82 8.98
CA ASP B 200 32.59 1.98 7.90
C ASP B 200 32.30 3.36 7.21
N PRO B 201 33.22 4.36 7.38
CA PRO B 201 33.04 5.73 6.82
C PRO B 201 32.84 5.84 5.30
N ARG B 202 33.28 4.83 4.53
CA ARG B 202 33.11 4.84 3.07
C ARG B 202 31.73 4.31 2.55
N ASN B 203 30.88 3.85 3.48
CA ASN B 203 29.53 3.38 3.12
C ASN B 203 28.56 4.55 2.98
N HIS B 204 27.86 4.58 1.84
CA HIS B 204 26.92 5.65 1.53
C HIS B 204 25.43 5.17 1.52
N PHE B 205 24.62 5.85 2.29
CA PHE B 205 23.22 5.52 2.42
C PHE B 205 22.41 6.64 1.85
N ARG B 206 21.36 6.29 1.16
CA ARG B 206 20.54 7.29 0.57
C ARG B 206 19.11 6.86 0.52
N CYS B 207 18.24 7.76 0.97
CA CYS B 207 16.83 7.52 0.96
C CYS B 207 16.21 8.50 0.01
N GLN B 208 15.37 8.02 -0.91
CA GLN B 208 14.73 8.91 -1.84
C GLN B 208 13.25 8.66 -1.92
N VAL B 209 12.51 9.71 -2.20
CA VAL B 209 11.08 9.62 -2.35
C VAL B 209 10.71 10.26 -3.66
N GLN B 210 10.04 9.50 -4.50
CA GLN B 210 9.60 9.99 -5.76
C GLN B 210 8.19 10.51 -5.55
N PHE B 211 8.02 11.84 -5.71
CA PHE B 211 6.72 12.50 -5.54
C PHE B 211 6.09 12.90 -6.85
N TYR B 212 4.85 12.46 -7.06
CA TYR B 212 4.12 12.78 -8.27
C TYR B 212 3.18 13.94 -8.02
N GLY B 213 3.48 15.08 -8.64
CA GLY B 213 2.68 16.25 -8.46
C GLY B 213 2.22 16.90 -9.74
N LEU B 214 2.41 18.21 -9.81
CA LEU B 214 2.00 19.00 -10.95
C LEU B 214 2.88 18.80 -12.16
N SER B 215 2.39 19.31 -13.29
CA SER B 215 3.09 19.25 -14.55
C SER B 215 3.70 20.61 -14.80
N GLU B 216 4.56 20.70 -15.80
CA GLU B 216 5.18 21.98 -16.15
C GLU B 216 4.17 22.89 -16.88
N ASN B 217 3.02 22.30 -17.26
CA ASN B 217 1.95 23.03 -17.98
C ASN B 217 0.83 23.60 -17.08
N ASP B 218 0.99 23.47 -15.76
CA ASP B 218 -0.02 23.97 -14.79
C ASP B 218 0.33 25.35 -14.27
N GLU B 219 -0.69 26.13 -13.88
CA GLU B 219 -0.48 27.49 -13.35
C GLU B 219 -0.01 27.39 -11.91
N TRP B 220 0.76 28.39 -11.47
CA TRP B 220 1.25 28.43 -10.11
C TRP B 220 1.72 29.84 -9.78
N THR B 221 0.94 30.55 -8.98
CA THR B 221 1.27 31.92 -8.60
C THR B 221 1.56 32.08 -7.12
N GLN B 222 2.66 31.47 -6.65
CA GLN B 222 3.07 31.56 -5.23
C GLN B 222 4.57 31.64 -5.06
N ASP B 223 4.99 32.23 -3.94
CA ASP B 223 6.41 32.39 -3.64
C ASP B 223 7.23 31.08 -3.53
N ARG B 224 6.61 30.00 -3.02
CA ARG B 224 7.34 28.70 -2.90
C ARG B 224 7.35 28.01 -4.27
N ALA B 225 8.38 27.21 -4.53
CA ALA B 225 8.53 26.50 -5.79
C ALA B 225 7.30 25.61 -6.15
N LYS B 226 7.03 25.47 -7.45
CA LYS B 226 5.92 24.67 -7.94
C LYS B 226 6.17 23.20 -7.59
N PRO B 227 5.17 22.53 -6.98
CA PRO B 227 5.33 21.10 -6.58
C PRO B 227 5.13 20.12 -7.74
N VAL B 228 6.07 20.12 -8.67
CA VAL B 228 6.02 19.23 -9.82
C VAL B 228 6.52 17.84 -9.45
N THR B 229 6.37 16.89 -10.38
CA THR B 229 6.84 15.54 -10.14
C THR B 229 8.31 15.65 -9.88
N GLN B 230 8.76 15.10 -8.76
CA GLN B 230 10.14 15.21 -8.42
C GLN B 230 10.61 14.13 -7.46
N ILE B 231 11.90 14.18 -7.17
CA ILE B 231 12.52 13.27 -6.27
C ILE B 231 13.19 14.11 -5.21
N VAL B 232 13.00 13.74 -3.97
CA VAL B 232 13.58 14.41 -2.85
C VAL B 232 14.31 13.34 -2.09
N SER B 233 15.54 13.60 -1.73
CA SER B 233 16.30 12.60 -1.00
C SER B 233 17.09 13.20 0.11
N ALA B 234 17.65 12.31 0.93
CA ALA B 234 18.48 12.67 2.06
C ALA B 234 19.55 11.57 2.09
N GLU B 235 20.71 11.84 2.67
CA GLU B 235 21.76 10.85 2.71
C GLU B 235 22.62 10.90 3.96
N ALA B 236 23.36 9.83 4.18
CA ALA B 236 24.21 9.72 5.33
C ALA B 236 25.33 8.75 5.05
N TRP B 237 26.49 9.02 5.63
CA TRP B 237 27.67 8.18 5.48
C TRP B 237 27.99 7.48 6.76
N GLY B 238 28.53 6.26 6.64
CA GLY B 238 28.91 5.47 7.80
C GLY B 238 29.75 6.31 8.75
N ARG B 239 29.72 5.99 10.04
CA ARG B 239 30.48 6.77 11.01
C ARG B 239 31.36 5.88 11.92
N ALA B 240 32.69 6.05 11.78
CA ALA B 240 33.70 5.27 12.56
C ALA B 240 33.44 5.26 14.06
N ASP B 241 33.88 4.16 14.71
CA ASP B 241 33.70 3.98 16.14
C ASP B 241 34.82 4.69 16.91
#